data_6T1B
#
_entry.id   6T1B
#
_cell.length_a   41.556
_cell.length_b   48.483
_cell.length_c   134.614
_cell.angle_alpha   90.000
_cell.angle_beta   90.000
_cell.angle_gamma   90.000
#
_symmetry.space_group_name_H-M   'P 21 21 21'
#
loop_
_entity.id
_entity.type
_entity.pdbx_description
1 polymer YlmD
2 non-polymer INOSINE
3 non-polymer 'ZINC ION'
4 water water
#
_entity_poly.entity_id   1
_entity_poly.type   'polypeptide(L)'
_entity_poly.pdbx_seq_one_letter_code
;GMPDIFQQEARGWLRCGAPPFAGAVAGLTTKHGGESKGPFASLNMGLHVGDDRTDVVNNRRRLAEWLAFPLERWVCCEQV
HGADIQKVTKSDRGNGAQDFATAVPGVDGLYTDEAGVLLALCFADCVPIYFVAPSAGLVGLAHAGWRGTAGGIAGHMVWL
WQTREHIAPSDIYVAIGPAIGPCCYTVDDRVVDSLRPTLPPESPLPWRETSPGQYALDLKEANRLQLLAAGVPNSHIYVS
ERCTSCEEALFFSHRRDRGTTGRMLAFIGRREEWT
;
_entity_poly.pdbx_strand_id   A
#
# COMPACT_ATOMS: atom_id res chain seq x y z
N PRO A 3 11.57 -14.23 10.20
CA PRO A 3 11.90 -13.59 8.92
C PRO A 3 10.76 -12.70 8.45
N ASP A 4 11.08 -11.59 7.80
CA ASP A 4 10.03 -10.64 7.44
C ASP A 4 9.06 -11.27 6.46
N ILE A 5 7.79 -10.85 6.53
CA ILE A 5 6.81 -11.36 5.61
C ILE A 5 7.05 -10.91 4.17
N PHE A 6 7.82 -9.83 3.98
CA PHE A 6 8.20 -9.36 2.65
C PHE A 6 9.65 -9.73 2.39
N GLN A 7 9.86 -10.64 1.43
CA GLN A 7 11.14 -11.29 1.22
C GLN A 7 11.70 -10.92 -0.14
N GLN A 8 13.00 -10.65 -0.17
CA GLN A 8 13.65 -10.15 -1.38
C GLN A 8 13.62 -11.20 -2.48
N GLU A 9 13.22 -10.78 -3.67
CA GLU A 9 13.26 -11.63 -4.86
C GLU A 9 14.56 -11.38 -5.63
N ALA A 10 14.70 -12.07 -6.76
CA ALA A 10 15.95 -11.98 -7.52
C ALA A 10 16.16 -10.63 -8.17
N ARG A 11 15.10 -9.83 -8.33
CA ARG A 11 15.24 -8.48 -8.87
C ARG A 11 14.70 -7.47 -7.85
N GLY A 12 14.34 -6.27 -8.31
CA GLY A 12 14.04 -5.17 -7.42
C GLY A 12 12.62 -5.20 -6.85
N TRP A 13 12.28 -6.32 -6.18
CA TRP A 13 11.00 -6.40 -5.48
C TRP A 13 11.04 -7.40 -4.34
N LEU A 14 10.10 -7.19 -3.41
CA LEU A 14 9.90 -8.03 -2.25
C LEU A 14 8.54 -8.71 -2.37
N ARG A 15 8.52 -10.02 -2.25
CA ARG A 15 7.28 -10.77 -2.36
C ARG A 15 6.62 -10.84 -0.99
N CYS A 16 5.29 -10.76 -0.97
CA CYS A 16 4.56 -10.93 0.28
C CYS A 16 4.46 -12.43 0.54
N GLY A 17 5.18 -12.91 1.55
CA GLY A 17 5.28 -14.33 1.84
C GLY A 17 4.32 -14.86 2.87
N ALA A 18 3.39 -14.05 3.35
CA ALA A 18 2.39 -14.56 4.28
C ALA A 18 1.59 -15.66 3.61
N PRO A 19 1.36 -16.79 4.26
CA PRO A 19 0.75 -17.96 3.59
C PRO A 19 -0.57 -17.65 2.90
N PRO A 20 -1.45 -16.83 3.49
CA PRO A 20 -2.73 -16.56 2.83
C PRO A 20 -2.60 -15.85 1.48
N PHE A 21 -1.45 -15.27 1.16
CA PHE A 21 -1.24 -14.56 -0.09
C PHE A 21 -0.57 -15.44 -1.14
N ALA A 22 -0.40 -16.73 -0.83
CA ALA A 22 0.31 -17.61 -1.74
C ALA A 22 -0.40 -17.77 -3.09
N GLY A 23 -1.71 -17.57 -3.12
CA GLY A 23 -2.45 -17.64 -4.37
C GLY A 23 -2.49 -16.38 -5.19
N ALA A 24 -1.76 -15.35 -4.76
CA ALA A 24 -1.77 -14.06 -5.44
C ALA A 24 -0.36 -13.65 -5.80
N VAL A 25 -0.29 -12.74 -6.76
CA VAL A 25 0.94 -12.04 -7.10
C VAL A 25 0.90 -10.79 -6.24
N ALA A 26 1.74 -10.73 -5.20
CA ALA A 26 1.65 -9.65 -4.22
C ALA A 26 3.05 -9.27 -3.77
N GLY A 27 3.34 -7.97 -3.74
CA GLY A 27 4.66 -7.54 -3.33
C GLY A 27 4.77 -6.03 -3.32
N LEU A 28 6.02 -5.61 -3.11
CA LEU A 28 6.38 -4.18 -3.10
C LEU A 28 7.75 -4.08 -3.77
N THR A 29 7.88 -3.14 -4.70
CA THR A 29 9.18 -2.99 -5.37
C THR A 29 10.19 -2.33 -4.43
N THR A 30 11.48 -2.50 -4.76
CA THR A 30 12.56 -1.74 -4.14
C THR A 30 13.02 -0.69 -5.16
N LYS A 31 14.00 0.11 -4.78
CA LYS A 31 14.35 1.26 -5.58
C LYS A 31 15.27 0.92 -6.74
N HIS A 32 15.75 -0.31 -6.84
CA HIS A 32 16.80 -0.65 -7.79
C HIS A 32 16.30 -1.39 -9.03
N GLY A 33 17.06 -1.25 -10.11
CA GLY A 33 16.80 -1.96 -11.35
C GLY A 33 16.10 -1.15 -12.42
N GLY A 34 15.97 0.15 -12.24
CA GLY A 34 15.22 0.99 -13.14
C GLY A 34 16.06 1.93 -13.98
N GLU A 35 15.35 2.90 -14.58
CA GLU A 35 15.88 3.83 -15.56
C GLU A 35 15.97 5.26 -15.05
N SER A 36 15.37 5.56 -13.92
CA SER A 36 15.25 6.94 -13.48
C SER A 36 16.54 7.41 -12.83
N LYS A 37 16.69 8.74 -12.79
CA LYS A 37 17.94 9.39 -12.42
C LYS A 37 17.75 10.35 -11.25
N GLY A 38 18.88 10.74 -10.66
CA GLY A 38 18.86 11.78 -9.66
C GLY A 38 18.09 11.35 -8.43
N PRO A 39 17.20 12.20 -7.93
CA PRO A 39 16.47 11.84 -6.71
C PRO A 39 15.56 10.63 -6.90
N PHE A 40 15.28 10.27 -8.16
CA PHE A 40 14.37 9.18 -8.47
C PHE A 40 15.11 7.88 -8.72
N ALA A 41 16.42 7.85 -8.50
CA ALA A 41 17.23 6.69 -8.88
C ALA A 41 16.80 5.47 -8.07
N SER A 42 16.44 4.36 -8.75
CA SER A 42 16.28 4.24 -10.20
C SER A 42 14.90 3.67 -10.61
N LEU A 43 14.31 2.78 -9.80
CA LEU A 43 13.02 2.16 -10.15
C LEU A 43 11.84 2.97 -9.60
N ASN A 44 11.79 4.24 -10.02
CA ASN A 44 10.70 5.09 -9.63
C ASN A 44 9.45 4.70 -10.39
N MET A 45 8.42 4.32 -9.67
CA MET A 45 7.15 3.93 -10.28
C MET A 45 6.10 5.03 -10.33
N GLY A 46 6.37 6.18 -9.73
CA GLY A 46 5.38 7.24 -9.60
C GLY A 46 5.41 8.17 -10.80
N LEU A 47 4.24 8.34 -11.43
CA LEU A 47 4.05 9.23 -12.56
C LEU A 47 3.75 10.66 -12.14
N HIS A 48 3.53 10.93 -10.86
CA HIS A 48 3.18 12.29 -10.44
C HIS A 48 4.15 12.84 -9.40
N VAL A 49 5.44 12.63 -9.63
CA VAL A 49 6.46 13.18 -8.75
C VAL A 49 7.47 14.04 -9.50
N GLY A 50 7.23 14.32 -10.78
CA GLY A 50 8.11 15.18 -11.54
C GLY A 50 9.26 14.47 -12.23
N ASP A 51 9.21 13.15 -12.28
CA ASP A 51 10.20 12.37 -13.03
C ASP A 51 9.85 12.35 -14.52
N ASP A 52 10.81 11.89 -15.30
CA ASP A 52 10.62 11.70 -16.72
CA ASP A 52 10.63 11.70 -16.74
C ASP A 52 9.64 10.57 -16.97
N ARG A 53 8.56 10.87 -17.67
CA ARG A 53 7.49 9.88 -17.87
C ARG A 53 8.00 8.66 -18.62
N THR A 54 8.85 8.85 -19.62
CA THR A 54 9.37 7.70 -20.35
C THR A 54 10.12 6.76 -19.40
N ASP A 55 10.95 7.32 -18.53
CA ASP A 55 11.67 6.47 -17.58
C ASP A 55 10.69 5.71 -16.70
N VAL A 56 9.69 6.43 -16.15
CA VAL A 56 8.73 5.79 -15.24
C VAL A 56 7.96 4.68 -15.95
N VAL A 57 7.47 4.93 -17.15
CA VAL A 57 6.75 3.89 -17.88
C VAL A 57 7.67 2.70 -18.13
N ASN A 58 8.94 2.94 -18.46
CA ASN A 58 9.86 1.83 -18.68
C ASN A 58 10.11 1.06 -17.37
N ASN A 59 10.15 1.76 -16.23
CA ASN A 59 10.26 1.09 -14.94
C ASN A 59 9.05 0.20 -14.69
N ARG A 60 7.86 0.70 -15.02
CA ARG A 60 6.66 -0.12 -14.84
C ARG A 60 6.68 -1.29 -15.79
N ARG A 61 7.10 -1.10 -17.05
CA ARG A 61 7.23 -2.22 -17.97
C ARG A 61 8.23 -3.26 -17.45
N ARG A 62 9.27 -2.80 -16.76
CA ARG A 62 10.26 -3.73 -16.22
C ARG A 62 9.64 -4.61 -15.14
N LEU A 63 8.91 -4.02 -14.21
CA LEU A 63 8.18 -4.82 -13.21
C LEU A 63 7.21 -5.78 -13.88
N ALA A 64 6.48 -5.30 -14.89
CA ALA A 64 5.56 -6.17 -15.61
C ALA A 64 6.29 -7.39 -16.18
N GLU A 65 7.52 -7.21 -16.65
CA GLU A 65 8.33 -8.32 -17.14
C GLU A 65 8.72 -9.25 -16.00
N TRP A 66 9.17 -8.69 -14.88
CA TRP A 66 9.53 -9.53 -13.75
C TRP A 66 8.35 -10.36 -13.25
N LEU A 67 7.17 -9.79 -13.24
CA LEU A 67 5.98 -10.45 -12.72
C LEU A 67 5.25 -11.27 -13.77
N ALA A 68 5.61 -11.17 -15.04
CA ALA A 68 4.82 -11.73 -16.11
C ALA A 68 3.36 -11.32 -15.98
N PHE A 69 3.15 -10.01 -15.79
CA PHE A 69 1.82 -9.45 -15.54
C PHE A 69 1.79 -8.13 -16.30
N PRO A 70 1.33 -8.15 -17.56
CA PRO A 70 1.47 -6.99 -18.44
C PRO A 70 0.91 -5.70 -17.87
N LEU A 71 1.59 -4.60 -18.20
CA LEU A 71 1.21 -3.28 -17.75
C LEU A 71 -0.21 -2.92 -18.18
N GLU A 72 -0.64 -3.43 -19.33
CA GLU A 72 -2.01 -3.19 -19.80
C GLU A 72 -3.08 -3.75 -18.87
N ARG A 73 -2.70 -4.61 -17.92
CA ARG A 73 -3.65 -5.22 -17.00
C ARG A 73 -3.62 -4.61 -15.60
N TRP A 74 -2.88 -3.52 -15.40
CA TRP A 74 -2.81 -2.91 -14.09
C TRP A 74 -3.94 -1.90 -13.94
N VAL A 75 -4.33 -1.62 -12.69
CA VAL A 75 -5.28 -0.55 -12.36
C VAL A 75 -4.67 0.28 -11.24
N CYS A 76 -4.61 1.59 -11.46
CA CYS A 76 -4.05 2.55 -10.52
C CYS A 76 -5.13 3.54 -10.13
N CYS A 77 -4.88 4.25 -9.03
CA CYS A 77 -5.78 5.28 -8.56
C CYS A 77 -5.03 6.56 -8.21
N GLU A 78 -5.80 7.64 -8.06
CA GLU A 78 -5.21 8.96 -7.92
C GLU A 78 -4.44 9.11 -6.61
N GLN A 79 -4.89 8.45 -5.55
CA GLN A 79 -4.24 8.51 -4.23
C GLN A 79 -4.21 9.93 -3.67
N VAL A 80 -5.39 10.38 -3.25
CA VAL A 80 -5.58 11.74 -2.77
C VAL A 80 -5.44 11.89 -1.27
N HIS A 81 -4.97 10.83 -0.59
CA HIS A 81 -4.82 10.83 0.88
C HIS A 81 -6.15 10.96 1.60
N GLY A 82 -7.19 10.41 0.98
CA GLY A 82 -8.45 10.21 1.63
C GLY A 82 -8.67 8.75 2.00
N ALA A 83 -9.92 8.42 2.26
CA ALA A 83 -10.28 7.08 2.72
C ALA A 83 -11.28 6.40 1.80
N ASP A 84 -11.39 6.84 0.55
CA ASP A 84 -12.35 6.25 -0.39
C ASP A 84 -11.70 5.08 -1.15
N ILE A 85 -12.54 4.13 -1.54
CA ILE A 85 -12.11 2.87 -2.13
C ILE A 85 -13.05 2.56 -3.28
N GLN A 86 -12.52 1.99 -4.36
CA GLN A 86 -13.35 1.63 -5.49
CA GLN A 86 -13.30 1.64 -5.54
C GLN A 86 -13.11 0.17 -5.89
N LYS A 87 -14.21 -0.53 -6.13
CA LYS A 87 -14.16 -1.86 -6.72
C LYS A 87 -13.88 -1.71 -8.20
N VAL A 88 -12.92 -2.49 -8.71
CA VAL A 88 -12.58 -2.46 -10.13
C VAL A 88 -12.63 -3.84 -10.74
N THR A 89 -12.71 -3.86 -12.08
CA THR A 89 -12.86 -5.09 -12.86
C THR A 89 -11.96 -5.00 -14.09
N LYS A 90 -12.04 -6.03 -14.94
CA LYS A 90 -11.24 -5.99 -16.16
C LYS A 90 -11.57 -4.79 -17.03
N SER A 91 -12.75 -4.19 -16.88
CA SER A 91 -13.10 -3.01 -17.67
CA SER A 91 -13.08 -3.02 -17.69
C SER A 91 -12.26 -1.80 -17.27
N ASP A 92 -11.58 -1.85 -16.14
CA ASP A 92 -10.76 -0.76 -15.66
C ASP A 92 -9.29 -0.96 -15.97
N ARG A 93 -8.92 -2.06 -16.62
CA ARG A 93 -7.51 -2.31 -16.87
C ARG A 93 -6.92 -1.19 -17.69
N GLY A 94 -5.69 -0.82 -17.32
CA GLY A 94 -4.99 0.27 -17.97
C GLY A 94 -5.20 1.63 -17.34
N ASN A 95 -6.20 1.80 -16.47
CA ASN A 95 -6.47 3.11 -15.91
C ASN A 95 -5.30 3.53 -15.02
N GLY A 96 -4.64 4.61 -15.41
CA GLY A 96 -3.50 5.11 -14.68
C GLY A 96 -2.23 4.33 -14.86
N ALA A 97 -2.22 3.35 -15.75
CA ALA A 97 -1.05 2.48 -15.87
C ALA A 97 0.13 3.18 -16.56
N GLN A 98 -0.17 3.96 -17.59
CA GLN A 98 0.85 4.71 -18.30
C GLN A 98 0.56 6.21 -18.34
N ASP A 99 -0.60 6.65 -17.88
CA ASP A 99 -0.99 8.06 -17.91
C ASP A 99 -1.68 8.33 -16.58
N PHE A 100 -1.07 9.14 -15.72
CA PHE A 100 -1.65 9.38 -14.41
C PHE A 100 -3.07 9.95 -14.51
N ALA A 101 -3.34 10.73 -15.55
CA ALA A 101 -4.65 11.38 -15.67
C ALA A 101 -5.79 10.39 -15.84
N THR A 102 -5.52 9.13 -16.21
CA THR A 102 -6.59 8.15 -16.35
C THR A 102 -6.74 7.23 -15.14
N ALA A 103 -5.94 7.44 -14.09
CA ALA A 103 -6.11 6.67 -12.87
C ALA A 103 -7.52 6.84 -12.30
N VAL A 104 -7.97 5.85 -11.55
CA VAL A 104 -9.29 5.93 -10.91
C VAL A 104 -9.29 7.16 -10.01
N PRO A 105 -10.19 8.12 -10.19
CA PRO A 105 -10.05 9.38 -9.48
C PRO A 105 -10.58 9.32 -8.04
N GLY A 106 -9.92 10.09 -7.18
CA GLY A 106 -10.47 10.42 -5.88
C GLY A 106 -10.43 9.31 -4.86
N VAL A 107 -9.69 8.23 -5.11
CA VAL A 107 -9.66 7.12 -4.17
C VAL A 107 -8.23 6.75 -3.82
N ASP A 108 -8.09 6.07 -2.68
CA ASP A 108 -6.85 5.63 -2.12
C ASP A 108 -6.81 4.13 -1.90
N GLY A 109 -7.83 3.40 -2.31
CA GLY A 109 -7.76 1.96 -2.26
C GLY A 109 -8.61 1.39 -3.37
N LEU A 110 -8.28 0.14 -3.72
CA LEU A 110 -8.96 -0.56 -4.79
C LEU A 110 -9.16 -2.01 -4.35
N TYR A 111 -10.19 -2.64 -4.90
CA TYR A 111 -10.29 -4.08 -4.72
C TYR A 111 -10.92 -4.71 -5.95
N THR A 112 -10.72 -6.02 -6.11
CA THR A 112 -11.34 -6.73 -7.22
C THR A 112 -11.55 -8.18 -6.84
N ASP A 113 -12.58 -8.78 -7.41
CA ASP A 113 -12.79 -10.21 -7.28
C ASP A 113 -12.51 -10.96 -8.58
N GLU A 114 -11.86 -10.30 -9.54
CA GLU A 114 -11.53 -10.91 -10.83
C GLU A 114 -10.05 -11.21 -10.91
N ALA A 115 -9.70 -12.27 -11.63
CA ALA A 115 -8.31 -12.51 -11.98
C ALA A 115 -7.90 -11.66 -13.17
N GLY A 116 -6.59 -11.55 -13.38
CA GLY A 116 -6.11 -10.81 -14.52
C GLY A 116 -6.06 -9.32 -14.34
N VAL A 117 -6.16 -8.82 -13.12
CA VAL A 117 -6.24 -7.41 -12.80
C VAL A 117 -5.23 -7.14 -11.70
N LEU A 118 -4.20 -6.35 -12.00
CA LEU A 118 -3.16 -6.05 -11.01
C LEU A 118 -3.45 -4.71 -10.38
N LEU A 119 -3.84 -4.69 -9.11
CA LEU A 119 -4.02 -3.44 -8.39
C LEU A 119 -2.62 -2.90 -8.10
N ALA A 120 -2.40 -1.61 -8.31
CA ALA A 120 -1.05 -1.06 -8.26
C ALA A 120 -1.12 0.34 -7.67
N LEU A 121 -0.52 0.52 -6.49
CA LEU A 121 -0.51 1.78 -5.76
C LEU A 121 0.93 2.15 -5.38
N CYS A 122 1.19 3.46 -5.31
CA CYS A 122 2.52 3.98 -5.08
C CYS A 122 2.75 4.37 -3.64
N PHE A 123 3.98 4.17 -3.15
CA PHE A 123 4.32 4.36 -1.75
C PHE A 123 5.73 4.86 -1.58
N ALA A 124 5.96 5.70 -0.56
CA ALA A 124 7.30 6.05 -0.09
C ALA A 124 7.24 6.57 1.34
N ASP A 125 6.62 5.78 2.22
CA ASP A 125 6.54 5.97 3.66
C ASP A 125 5.14 5.56 4.16
N CYS A 126 4.10 5.85 3.39
CA CYS A 126 2.73 5.57 3.84
C CYS A 126 2.51 4.06 3.89
N VAL A 127 1.50 3.66 4.63
CA VAL A 127 1.29 2.24 4.86
C VAL A 127 0.58 1.56 3.71
N PRO A 128 1.20 0.54 3.08
CA PRO A 128 0.48 -0.28 2.10
C PRO A 128 -0.25 -1.40 2.82
N ILE A 129 -1.56 -1.48 2.63
CA ILE A 129 -2.37 -2.49 3.31
C ILE A 129 -2.91 -3.43 2.23
N TYR A 130 -2.47 -4.69 2.26
CA TYR A 130 -2.88 -5.69 1.31
C TYR A 130 -3.95 -6.57 1.94
N PHE A 131 -5.01 -6.87 1.18
CA PHE A 131 -6.14 -7.65 1.66
C PHE A 131 -6.35 -8.85 0.73
N VAL A 132 -6.71 -9.98 1.30
CA VAL A 132 -7.08 -11.12 0.50
C VAL A 132 -8.17 -11.88 1.23
N ALA A 133 -9.16 -12.34 0.49
CA ALA A 133 -10.10 -13.35 0.97
C ALA A 133 -9.92 -14.52 0.00
N PRO A 134 -9.05 -15.49 0.32
CA PRO A 134 -8.68 -16.50 -0.68
C PRO A 134 -9.84 -17.33 -1.16
N SER A 135 -10.76 -17.70 -0.26
CA SER A 135 -11.87 -18.54 -0.67
C SER A 135 -12.70 -17.83 -1.74
N ALA A 136 -12.93 -16.54 -1.56
CA ALA A 136 -13.81 -15.76 -2.41
C ALA A 136 -13.11 -15.12 -3.59
N GLY A 137 -11.79 -15.23 -3.69
CA GLY A 137 -11.10 -14.64 -4.82
C GLY A 137 -11.06 -13.12 -4.80
N LEU A 138 -11.08 -12.50 -3.62
CA LEU A 138 -10.98 -11.05 -3.49
C LEU A 138 -9.56 -10.68 -3.12
N VAL A 139 -9.06 -9.61 -3.75
CA VAL A 139 -7.83 -8.98 -3.32
C VAL A 139 -8.11 -7.50 -3.22
N GLY A 140 -7.38 -6.82 -2.33
CA GLY A 140 -7.53 -5.39 -2.18
C GLY A 140 -6.20 -4.78 -1.78
N LEU A 141 -6.11 -3.46 -2.01
CA LEU A 141 -4.90 -2.75 -1.66
C LEU A 141 -5.29 -1.32 -1.31
N ALA A 142 -4.79 -0.84 -0.19
CA ALA A 142 -5.07 0.52 0.28
C ALA A 142 -3.81 1.24 0.68
N HIS A 143 -3.86 2.57 0.51
CA HIS A 143 -2.79 3.51 0.79
C HIS A 143 -3.22 4.31 2.01
N ALA A 144 -2.50 4.14 3.13
CA ALA A 144 -2.87 4.80 4.38
C ALA A 144 -1.69 5.59 4.95
N GLY A 145 -1.67 6.89 4.70
CA GLY A 145 -0.90 7.81 5.50
C GLY A 145 -1.73 8.22 6.69
N TRP A 146 -1.27 9.26 7.39
CA TRP A 146 -2.01 9.65 8.59
C TRP A 146 -3.43 10.07 8.25
N ARG A 147 -3.63 10.75 7.12
CA ARG A 147 -4.97 11.26 6.81
C ARG A 147 -5.92 10.12 6.47
N GLY A 148 -5.47 9.17 5.65
CA GLY A 148 -6.30 8.04 5.31
C GLY A 148 -6.59 7.16 6.51
N THR A 149 -5.61 7.03 7.40
CA THR A 149 -5.82 6.29 8.65
C THR A 149 -6.83 7.01 9.52
N ALA A 150 -6.73 8.33 9.62
CA ALA A 150 -7.71 9.10 10.39
C ALA A 150 -9.11 8.97 9.78
N GLY A 151 -9.18 8.77 8.46
CA GLY A 151 -10.40 8.54 7.74
C GLY A 151 -10.93 7.12 7.80
N GLY A 152 -10.16 6.22 8.40
CA GLY A 152 -10.62 4.85 8.55
C GLY A 152 -10.55 4.01 7.29
N ILE A 153 -9.58 4.23 6.43
CA ILE A 153 -9.57 3.51 5.15
C ILE A 153 -9.48 2.00 5.36
N ALA A 154 -8.70 1.56 6.35
CA ALA A 154 -8.52 0.12 6.55
C ALA A 154 -9.85 -0.54 6.90
N GLY A 155 -10.58 0.02 7.86
CA GLY A 155 -11.87 -0.54 8.21
C GLY A 155 -12.91 -0.36 7.13
N HIS A 156 -12.78 0.69 6.30
CA HIS A 156 -13.68 0.89 5.19
C HIS A 156 -13.58 -0.25 4.19
N MET A 157 -12.38 -0.75 3.93
CA MET A 157 -12.24 -1.91 3.03
C MET A 157 -13.02 -3.09 3.60
N VAL A 158 -12.82 -3.36 4.89
CA VAL A 158 -13.51 -4.48 5.53
C VAL A 158 -15.02 -4.30 5.44
N TRP A 159 -15.50 -3.09 5.74
CA TRP A 159 -16.93 -2.81 5.67
C TRP A 159 -17.48 -3.04 4.27
N LEU A 160 -16.75 -2.63 3.24
CA LEU A 160 -17.23 -2.84 1.87
C LEU A 160 -17.27 -4.32 1.54
N TRP A 161 -16.25 -5.08 1.96
CA TRP A 161 -16.26 -6.51 1.67
C TRP A 161 -17.43 -7.19 2.37
N GLN A 162 -17.76 -6.74 3.60
CA GLN A 162 -18.86 -7.36 4.33
C GLN A 162 -20.20 -6.98 3.73
N THR A 163 -20.40 -5.68 3.48
CA THR A 163 -21.74 -5.20 3.13
C THR A 163 -22.03 -5.33 1.65
N ARG A 164 -21.04 -5.15 0.78
CA ARG A 164 -21.26 -5.26 -0.65
C ARG A 164 -20.87 -6.60 -1.23
N GLU A 165 -19.84 -7.25 -0.67
CA GLU A 165 -19.37 -8.53 -1.19
C GLU A 165 -19.77 -9.72 -0.31
N HIS A 166 -20.42 -9.47 0.83
CA HIS A 166 -20.94 -10.54 1.70
C HIS A 166 -19.84 -11.47 2.18
N ILE A 167 -18.70 -10.89 2.56
CA ILE A 167 -17.55 -11.60 3.11
C ILE A 167 -17.45 -11.26 4.59
N ALA A 168 -17.49 -12.29 5.43
CA ALA A 168 -17.27 -12.04 6.86
C ALA A 168 -15.84 -11.59 7.12
N PRO A 169 -15.62 -10.69 8.06
CA PRO A 169 -14.24 -10.30 8.39
C PRO A 169 -13.34 -11.47 8.75
N SER A 170 -13.90 -12.53 9.32
CA SER A 170 -13.12 -13.71 9.66
C SER A 170 -12.53 -14.40 8.43
N ASP A 171 -13.02 -14.10 7.23
CA ASP A 171 -12.47 -14.70 6.03
C ASP A 171 -11.40 -13.82 5.37
N ILE A 172 -11.06 -12.71 5.99
CA ILE A 172 -10.10 -11.77 5.45
C ILE A 172 -8.75 -11.96 6.10
N TYR A 173 -7.70 -11.81 5.30
CA TYR A 173 -6.32 -11.81 5.75
C TYR A 173 -5.66 -10.55 5.24
N VAL A 174 -4.76 -9.99 6.03
CA VAL A 174 -4.16 -8.70 5.74
C VAL A 174 -2.65 -8.78 5.90
N ALA A 175 -1.91 -8.13 5.01
CA ALA A 175 -0.49 -7.89 5.21
C ALA A 175 -0.30 -6.38 5.23
N ILE A 176 0.36 -5.88 6.27
CA ILE A 176 0.73 -4.47 6.36
C ILE A 176 2.19 -4.41 5.97
N GLY A 177 2.48 -3.70 4.89
CA GLY A 177 3.80 -3.73 4.28
C GLY A 177 4.75 -2.70 4.82
N PRO A 178 5.95 -2.65 4.24
CA PRO A 178 6.97 -1.68 4.64
C PRO A 178 6.46 -0.26 4.58
N ALA A 179 6.81 0.52 5.60
CA ALA A 179 6.31 1.88 5.77
C ALA A 179 7.21 2.56 6.78
N ILE A 180 7.01 3.86 6.97
CA ILE A 180 7.84 4.57 7.92
C ILE A 180 7.48 4.12 9.32
N GLY A 181 8.49 3.90 10.15
CA GLY A 181 8.29 3.46 11.52
C GLY A 181 8.31 4.61 12.49
N PRO A 182 7.91 4.33 13.74
CA PRO A 182 7.95 5.37 14.77
C PRO A 182 9.37 5.76 15.10
N CYS A 183 10.34 4.90 14.76
CA CYS A 183 11.74 5.27 14.82
C CYS A 183 12.03 6.58 14.10
N CYS A 184 11.27 6.88 13.04
CA CYS A 184 11.57 7.99 12.15
C CYS A 184 10.41 8.96 11.90
N TYR A 185 9.20 8.67 12.37
CA TYR A 185 8.03 9.47 12.04
C TYR A 185 7.53 10.15 13.31
N THR A 186 7.77 11.45 13.41
CA THR A 186 7.34 12.26 14.55
C THR A 186 6.29 13.24 14.07
N VAL A 187 5.17 13.31 14.79
CA VAL A 187 4.03 14.13 14.43
C VAL A 187 3.62 14.95 15.65
N ASP A 188 2.64 15.85 15.43
CA ASP A 188 2.18 16.78 16.45
C ASP A 188 0.80 16.40 16.96
N ASP A 189 0.30 17.20 17.91
CA ASP A 189 -1.01 16.90 18.52
C ASP A 189 -2.12 16.84 17.47
N ARG A 190 -2.02 17.66 16.43
CA ARG A 190 -3.05 17.65 15.40
C ARG A 190 -3.21 16.25 14.81
N VAL A 191 -2.10 15.61 14.46
CA VAL A 191 -2.17 14.30 13.85
C VAL A 191 -2.73 13.28 14.84
N VAL A 192 -2.15 13.19 16.04
CA VAL A 192 -2.62 12.16 16.95
C VAL A 192 -4.08 12.42 17.33
N ASP A 193 -4.46 13.69 17.49
CA ASP A 193 -5.84 14.00 17.83
C ASP A 193 -6.81 13.52 16.75
N SER A 194 -6.40 13.59 15.49
CA SER A 194 -7.27 13.10 14.42
C SER A 194 -7.35 11.58 14.42
N LEU A 195 -6.36 10.90 14.96
CA LEU A 195 -6.37 9.45 15.02
C LEU A 195 -7.10 8.90 16.23
N ARG A 196 -7.12 9.62 17.35
CA ARG A 196 -7.73 9.07 18.55
C ARG A 196 -9.17 8.59 18.32
N PRO A 197 -10.01 9.32 17.59
CA PRO A 197 -11.41 8.87 17.44
C PRO A 197 -11.58 7.56 16.69
N THR A 198 -10.55 7.09 15.99
CA THR A 198 -10.69 5.90 15.16
C THR A 198 -10.35 4.61 15.90
N LEU A 199 -9.88 4.70 17.13
CA LEU A 199 -9.47 3.53 17.89
C LEU A 199 -10.46 3.27 19.02
N PRO A 200 -10.61 2.01 19.44
CA PRO A 200 -11.55 1.72 20.53
C PRO A 200 -11.16 2.45 21.79
N PRO A 201 -12.13 2.81 22.63
CA PRO A 201 -11.82 3.62 23.82
C PRO A 201 -10.77 3.01 24.74
N GLU A 202 -10.77 1.69 24.90
CA GLU A 202 -9.82 1.00 25.79
C GLU A 202 -8.46 0.82 25.15
N SER A 203 -8.29 1.28 23.91
CA SER A 203 -7.23 0.75 23.06
C SER A 203 -5.87 1.31 23.48
N PRO A 204 -4.81 0.50 23.40
CA PRO A 204 -3.46 1.05 23.53
C PRO A 204 -3.20 1.99 22.36
N LEU A 205 -2.50 3.08 22.63
CA LEU A 205 -2.29 4.09 21.60
C LEU A 205 -1.02 3.80 20.82
N PRO A 206 -1.09 3.87 19.50
CA PRO A 206 0.08 3.54 18.67
C PRO A 206 1.03 4.71 18.47
N TRP A 207 1.29 5.45 19.54
CA TRP A 207 2.27 6.52 19.50
C TRP A 207 2.80 6.72 20.91
N ARG A 208 3.95 7.38 20.99
CA ARG A 208 4.63 7.70 22.24
C ARG A 208 5.07 9.15 22.19
N GLU A 209 4.80 9.91 23.24
CA GLU A 209 5.20 11.31 23.30
C GLU A 209 6.68 11.37 23.66
N THR A 210 7.53 11.76 22.70
CA THR A 210 8.97 11.73 22.93
C THR A 210 9.50 13.04 23.46
N SER A 211 8.80 14.14 23.21
CA SER A 211 9.04 15.42 23.84
C SER A 211 7.71 16.16 23.82
N PRO A 212 7.56 17.19 24.61
CA PRO A 212 6.23 17.82 24.71
C PRO A 212 5.65 18.17 23.34
N GLY A 213 4.48 17.61 23.05
CA GLY A 213 3.77 17.91 21.82
C GLY A 213 4.29 17.19 20.60
N GLN A 214 5.24 16.27 20.76
CA GLN A 214 5.81 15.52 19.65
C GLN A 214 5.66 14.03 19.93
N TYR A 215 5.15 13.31 18.94
CA TYR A 215 4.79 11.90 19.10
C TYR A 215 5.45 11.05 18.03
N ALA A 216 6.16 10.02 18.46
CA ALA A 216 6.61 8.97 17.57
C ALA A 216 5.42 8.08 17.22
N LEU A 217 5.02 8.08 15.95
CA LEU A 217 3.77 7.47 15.53
C LEU A 217 4.03 6.19 14.74
N ASP A 218 3.28 5.14 15.08
CA ASP A 218 3.38 3.83 14.42
C ASP A 218 2.10 3.65 13.60
N LEU A 219 2.11 4.10 12.35
CA LEU A 219 0.93 3.96 11.51
C LEU A 219 0.61 2.51 11.20
N LYS A 220 1.61 1.63 11.18
CA LYS A 220 1.32 0.22 10.95
C LYS A 220 0.42 -0.29 12.06
N GLU A 221 0.78 0.00 13.31
CA GLU A 221 -0.01 -0.47 14.44
C GLU A 221 -1.36 0.21 14.48
N ALA A 222 -1.42 1.50 14.13
CA ALA A 222 -2.72 2.17 14.10
C ALA A 222 -3.67 1.44 13.15
N ASN A 223 -3.17 1.06 11.99
CA ASN A 223 -4.01 0.35 11.02
C ASN A 223 -4.33 -1.06 11.49
N ARG A 224 -3.38 -1.74 12.15
CA ARG A 224 -3.68 -3.04 12.71
C ARG A 224 -4.81 -2.95 13.72
N LEU A 225 -4.74 -1.96 14.62
CA LEU A 225 -5.78 -1.82 15.65
C LEU A 225 -7.13 -1.55 15.02
N GLN A 226 -7.16 -0.75 13.96
CA GLN A 226 -8.42 -0.51 13.26
C GLN A 226 -8.96 -1.80 12.64
N LEU A 227 -8.08 -2.58 12.01
CA LEU A 227 -8.53 -3.83 11.37
C LEU A 227 -9.08 -4.79 12.40
N LEU A 228 -8.41 -4.91 13.55
CA LEU A 228 -8.92 -5.74 14.63
C LEU A 228 -10.31 -5.28 15.05
N ALA A 229 -10.48 -3.97 15.20
CA ALA A 229 -11.78 -3.45 15.61
C ALA A 229 -12.86 -3.70 14.56
N ALA A 230 -12.48 -3.76 13.28
CA ALA A 230 -13.43 -4.06 12.22
C ALA A 230 -13.74 -5.55 12.09
N GLY A 231 -13.08 -6.40 12.86
CA GLY A 231 -13.38 -7.82 12.88
C GLY A 231 -12.35 -8.73 12.25
N VAL A 232 -11.28 -8.20 11.69
CA VAL A 232 -10.28 -9.09 11.10
C VAL A 232 -9.52 -9.79 12.22
N PRO A 233 -9.42 -11.11 12.21
CA PRO A 233 -8.78 -11.81 13.34
C PRO A 233 -7.30 -11.46 13.46
N ASN A 234 -6.84 -11.39 14.72
CA ASN A 234 -5.44 -11.08 15.00
C ASN A 234 -4.50 -11.96 14.21
N SER A 235 -4.78 -13.27 14.18
CA SER A 235 -3.88 -14.23 13.53
C SER A 235 -3.93 -14.15 12.01
N HIS A 236 -4.83 -13.34 11.46
CA HIS A 236 -4.93 -13.12 10.04
C HIS A 236 -4.18 -11.87 9.57
N ILE A 237 -3.58 -11.13 10.49
CA ILE A 237 -2.93 -9.84 10.19
C ILE A 237 -1.43 -10.00 10.36
N TYR A 238 -0.70 -9.83 9.26
CA TYR A 238 0.74 -9.96 9.21
C TYR A 238 1.33 -8.58 9.02
N VAL A 239 2.35 -8.24 9.79
CA VAL A 239 2.90 -6.88 9.78
C VAL A 239 4.39 -6.95 9.46
N SER A 240 4.81 -6.29 8.38
CA SER A 240 6.23 -6.15 8.09
C SER A 240 6.89 -5.26 9.13
N GLU A 241 8.11 -5.61 9.53
CA GLU A 241 8.90 -4.78 10.42
C GLU A 241 9.79 -3.79 9.66
N ARG A 242 9.77 -3.82 8.33
CA ARG A 242 10.68 -2.98 7.55
C ARG A 242 10.22 -1.53 7.60
N CYS A 243 11.18 -0.63 7.86
CA CYS A 243 10.96 0.81 7.85
C CYS A 243 11.56 1.39 6.56
N THR A 244 10.73 2.13 5.80
CA THR A 244 11.17 2.74 4.55
C THR A 244 12.23 3.80 4.78
N SER A 245 12.11 4.57 5.88
CA SER A 245 13.13 5.57 6.15
CA SER A 245 13.10 5.56 6.28
C SER A 245 14.44 4.90 6.55
N CYS A 246 14.40 3.85 7.37
CA CYS A 246 15.62 3.24 7.89
C CYS A 246 16.38 2.49 6.82
N GLU A 247 15.66 1.75 5.97
CA GLU A 247 16.26 0.85 4.99
C GLU A 247 16.51 1.62 3.69
N GLU A 248 17.46 2.57 3.80
CA GLU A 248 17.74 3.49 2.70
C GLU A 248 18.29 2.79 1.47
N ALA A 249 18.87 1.59 1.63
CA ALA A 249 19.39 0.90 0.46
C ALA A 249 18.31 0.13 -0.28
N LEU A 250 17.10 0.06 0.27
CA LEU A 250 16.02 -0.60 -0.43
C LEU A 250 14.95 0.36 -0.89
N PHE A 251 14.71 1.47 -0.16
CA PHE A 251 13.48 2.23 -0.32
C PHE A 251 13.65 3.72 -0.51
N PHE A 252 12.79 4.28 -1.37
CA PHE A 252 12.52 5.72 -1.37
C PHE A 252 11.78 6.04 -0.08
N SER A 253 12.00 7.25 0.44
CA SER A 253 11.31 7.71 1.64
C SER A 253 11.04 9.19 1.51
N HIS A 254 9.77 9.56 1.47
CA HIS A 254 9.42 10.98 1.41
C HIS A 254 10.06 11.77 2.54
N ARG A 255 10.07 11.21 3.74
CA ARG A 255 10.62 11.95 4.87
C ARG A 255 12.15 11.97 4.81
N ARG A 256 12.79 10.81 4.64
CA ARG A 256 14.26 10.80 4.71
C ARG A 256 14.85 11.57 3.53
N ASP A 257 14.23 11.47 2.38
CA ASP A 257 14.72 12.07 1.15
C ASP A 257 14.22 13.51 0.99
N ARG A 258 13.62 14.06 2.04
CA ARG A 258 13.29 15.50 2.09
C ARG A 258 12.34 15.89 0.98
N GLY A 259 11.40 15.01 0.68
CA GLY A 259 10.24 15.34 -0.13
C GLY A 259 10.41 15.21 -1.63
N THR A 260 11.61 14.97 -2.13
CA THR A 260 11.80 14.77 -3.57
C THR A 260 12.44 13.41 -3.75
N THR A 261 11.64 12.45 -4.20
CA THR A 261 12.07 11.07 -4.27
C THR A 261 11.09 10.29 -5.14
N GLY A 262 11.46 9.02 -5.39
CA GLY A 262 10.64 8.14 -6.18
C GLY A 262 9.53 7.52 -5.35
N ARG A 263 8.82 6.62 -6.00
CA ARG A 263 7.81 5.79 -5.37
C ARG A 263 8.03 4.31 -5.70
N MET A 264 7.89 3.48 -4.66
CA MET A 264 7.76 2.06 -4.89
C MET A 264 6.31 1.77 -5.31
N LEU A 265 6.10 0.61 -5.95
CA LEU A 265 4.77 0.15 -6.27
C LEU A 265 4.46 -1.04 -5.38
N ALA A 266 3.34 -0.97 -4.67
CA ALA A 266 2.72 -2.12 -4.05
C ALA A 266 1.71 -2.67 -5.04
N PHE A 267 1.62 -3.99 -5.12
CA PHE A 267 0.76 -4.59 -6.12
C PHE A 267 0.15 -5.86 -5.58
N ILE A 268 -1.06 -6.15 -6.02
CA ILE A 268 -1.68 -7.45 -5.75
C ILE A 268 -2.65 -7.78 -6.88
N GLY A 269 -2.65 -9.04 -7.28
CA GLY A 269 -3.56 -9.53 -8.31
C GLY A 269 -3.49 -11.04 -8.36
N ARG A 270 -4.41 -11.62 -9.11
CA ARG A 270 -4.42 -13.06 -9.34
C ARG A 270 -4.25 -13.34 -10.82
N ARG A 271 -3.46 -14.36 -11.12
CA ARG A 271 -3.22 -14.71 -12.52
C ARG A 271 -4.43 -15.40 -13.11
N GLU A 272 -4.68 -15.10 -14.39
CA GLU A 272 -5.70 -15.74 -15.20
C GLU A 272 -5.03 -16.88 -15.96
N GLU A 273 -5.56 -18.10 -15.81
CA GLU A 273 -4.98 -19.27 -16.46
C GLU A 273 -5.34 -19.32 -17.96
#